data_4OED
#
_entry.id   4OED
#
_cell.length_a   54.901
_cell.length_b   65.762
_cell.length_c   69.781
_cell.angle_alpha   90.00
_cell.angle_beta   90.00
_cell.angle_gamma   90.00
#
_symmetry.space_group_name_H-M   'P 21 21 21'
#
loop_
_entity.id
_entity.type
_entity.pdbx_description
1 polymer 'Androgen receptor'
2 polymer 'Protein BUD31 homolog'
3 non-polymer 'SULFATE ION'
4 non-polymer 5-ALPHA-DIHYDROTESTOSTERONE
5 water water
#
loop_
_entity_poly.entity_id
_entity_poly.type
_entity_poly.pdbx_seq_one_letter_code
_entity_poly.pdbx_strand_id
1 'polypeptide(L)'
;QPIFLNVLEAIEPGVVCAGHDNNQPDSFAALLSSLNELGERQLVHVVKWAKALPGFRNLHVDDQMAVIQYSWMGLMVFAM
GWRSFTNVNSAMLYFAPDLVFNEYRMHKSRMYSQCVRMRHLSQEFGWLQITPQEFLCMKALLLFSIIPVDGLKNQKFFDE
LRMNYIKELDRIIACKRKNPTSCSRRFYQLTKLLDSVQPIARELHQFTFDLLIKSHMVSVDFPEMMAEIISVQVPKILSG
KVKPIYFHTQ
;
A
2 'polypeptide(L)' KTRYIFDLFYKRKAY B
#
loop_
_chem_comp.id
_chem_comp.type
_chem_comp.name
_chem_comp.formula
DHT non-polymer 5-ALPHA-DIHYDROTESTOSTERONE 'C19 H30 O2'
SO4 non-polymer 'SULFATE ION' 'O4 S -2'
#
# COMPACT_ATOMS: atom_id res chain seq x y z
N GLN A 1 -17.44 -17.67 1.26
CA GLN A 1 -17.49 -19.16 1.06
C GLN A 1 -16.18 -19.82 1.46
N PRO A 2 -15.04 -19.47 0.79
CA PRO A 2 -13.86 -19.88 1.51
C PRO A 2 -13.82 -19.26 2.91
N ILE A 3 -13.29 -20.07 3.81
CA ILE A 3 -12.66 -19.65 5.02
C ILE A 3 -11.80 -18.43 4.71
N PHE A 4 -11.11 -18.52 3.58
CA PHE A 4 -10.12 -17.53 3.15
C PHE A 4 -10.78 -16.17 3.01
N LEU A 5 -11.81 -16.13 2.18
CA LEU A 5 -12.60 -14.93 1.96
C LEU A 5 -13.17 -14.40 3.25
N ASN A 6 -13.83 -15.27 4.02
CA ASN A 6 -14.31 -14.96 5.37
C ASN A 6 -13.31 -14.21 6.18
N VAL A 7 -12.12 -14.79 6.29
CA VAL A 7 -11.02 -14.19 7.02
C VAL A 7 -10.69 -12.79 6.54
N LEU A 8 -10.43 -12.64 5.24
CA LEU A 8 -9.99 -11.37 4.69
C LEU A 8 -10.96 -10.27 5.01
N GLU A 9 -12.24 -10.58 4.85
CA GLU A 9 -13.34 -9.67 5.18
C GLU A 9 -13.39 -9.37 6.68
N ALA A 10 -13.29 -10.41 7.52
CA ALA A 10 -13.23 -10.27 8.98
C ALA A 10 -12.22 -9.23 9.45
N ILE A 11 -10.99 -9.35 8.93
CA ILE A 11 -9.82 -8.59 9.36
C ILE A 11 -9.51 -7.30 8.60
N GLU A 12 -10.37 -6.94 7.66
CA GLU A 12 -10.18 -5.74 6.86
C GLU A 12 -10.40 -4.48 7.73
N PRO A 13 -9.35 -3.64 7.83
CA PRO A 13 -9.36 -2.49 8.73
C PRO A 13 -10.51 -1.53 8.51
N GLY A 14 -10.87 -0.83 9.55
CA GLY A 14 -11.84 0.24 9.42
C GLY A 14 -11.21 1.53 8.95
N VAL A 15 -11.95 2.62 9.20
CA VAL A 15 -11.60 3.97 8.82
C VAL A 15 -10.44 4.46 9.68
N VAL A 16 -9.56 5.22 9.06
CA VAL A 16 -8.43 5.78 9.72
C VAL A 16 -8.39 7.25 9.31
N CYS A 17 -8.54 8.13 10.29
CA CYS A 17 -8.52 9.55 10.01
C CYS A 17 -7.06 10.05 10.12
N ALA A 18 -6.76 11.09 9.35
CA ALA A 18 -5.42 11.64 9.25
C ALA A 18 -5.14 12.59 10.40
N GLY A 19 -6.17 13.30 10.82
CA GLY A 19 -6.06 14.30 11.88
C GLY A 19 -5.87 15.67 11.27
N HIS A 20 -6.19 15.80 9.98
CA HIS A 20 -5.89 17.01 9.22
C HIS A 20 -6.80 18.20 9.57
N ASP A 21 -6.17 19.37 9.72
CA ASP A 21 -6.87 20.62 10.02
C ASP A 21 -7.42 21.25 8.73
N ASN A 22 -8.61 20.82 8.34
CA ASN A 22 -9.15 21.32 7.08
C ASN A 22 -9.57 22.78 7.17
N ASN A 23 -9.19 23.45 8.25
CA ASN A 23 -9.53 24.87 8.40
C ASN A 23 -8.38 25.71 7.92
N GLN A 24 -7.16 25.20 8.06
CA GLN A 24 -6.02 25.89 7.51
C GLN A 24 -5.93 25.64 5.98
N PRO A 25 -5.56 26.70 5.24
CA PRO A 25 -5.16 26.69 3.86
C PRO A 25 -4.24 25.58 3.42
N ASP A 26 -4.55 25.04 2.25
CA ASP A 26 -3.78 24.00 1.63
C ASP A 26 -2.38 24.51 1.41
N SER A 27 -1.41 23.67 1.76
CA SER A 27 -0.02 24.04 1.80
C SER A 27 0.80 22.79 1.87
N PHE A 28 1.84 22.71 1.04
CA PHE A 28 2.75 21.57 1.06
C PHE A 28 2.92 20.96 2.48
N ALA A 29 3.52 21.73 3.40
CA ALA A 29 3.89 21.18 4.74
C ALA A 29 2.71 20.72 5.56
N ALA A 30 1.62 21.49 5.58
CA ALA A 30 0.41 21.04 6.27
C ALA A 30 -0.09 19.75 5.66
N LEU A 31 -0.21 19.73 4.33
CA LEU A 31 -0.75 18.58 3.64
C LEU A 31 0.16 17.38 3.89
N LEU A 32 1.44 17.53 3.58
CA LEU A 32 2.33 16.37 3.58
C LEU A 32 2.60 15.84 4.98
N SER A 33 2.58 16.73 5.96
CA SER A 33 2.67 16.34 7.37
C SER A 33 1.45 15.55 7.82
N SER A 34 0.29 15.86 7.26
CA SER A 34 -0.91 15.08 7.58
C SER A 34 -0.83 13.72 6.89
N LEU A 35 -0.57 13.69 5.58
CA LEU A 35 -0.30 12.41 4.89
C LEU A 35 0.69 11.49 5.60
N ASN A 36 1.75 12.06 6.21
CA ASN A 36 2.79 11.23 6.84
C ASN A 36 2.25 10.62 8.10
N GLU A 37 1.45 11.42 8.81
CA GLU A 37 0.81 10.99 10.04
C GLU A 37 -0.16 9.84 9.71
N LEU A 38 -0.92 10.01 8.64
CA LEU A 38 -1.86 9.00 8.18
C LEU A 38 -1.10 7.74 7.78
N GLY A 39 0.01 7.92 7.10
CA GLY A 39 0.85 6.79 6.79
C GLY A 39 1.09 5.91 8.00
N GLU A 40 1.67 6.53 9.02
CA GLU A 40 1.90 5.95 10.35
C GLU A 40 0.66 5.27 10.95
N ARG A 41 -0.43 6.04 11.05
CA ARG A 41 -1.68 5.50 11.55
C ARG A 41 -2.08 4.27 10.72
N GLN A 42 -2.09 4.42 9.39
CA GLN A 42 -2.43 3.31 8.49
C GLN A 42 -1.52 2.11 8.62
N LEU A 43 -0.28 2.35 9.03
CA LEU A 43 0.72 1.28 9.15
C LEU A 43 0.46 0.39 10.36
N VAL A 44 0.04 1.00 11.46
CA VAL A 44 -0.29 0.25 12.69
C VAL A 44 -1.42 -0.69 12.32
N HIS A 45 -2.40 -0.17 11.59
CA HIS A 45 -3.46 -1.03 11.02
C HIS A 45 -2.95 -2.07 10.01
N VAL A 46 -1.98 -1.75 9.16
CA VAL A 46 -1.40 -2.82 8.31
C VAL A 46 -0.71 -3.96 9.09
N VAL A 47 -0.04 -3.64 10.20
CA VAL A 47 0.66 -4.66 11.01
C VAL A 47 -0.31 -5.63 11.66
N LYS A 48 -1.30 -5.07 12.34
CA LYS A 48 -2.35 -5.85 12.91
C LYS A 48 -3.09 -6.63 11.81
N TRP A 49 -3.37 -6.00 10.67
CA TRP A 49 -4.10 -6.67 9.55
C TRP A 49 -3.34 -7.88 9.07
N ALA A 50 -2.04 -7.65 8.81
CA ALA A 50 -1.12 -8.69 8.35
C ALA A 50 -0.96 -9.88 9.30
N LYS A 51 -0.93 -9.63 10.59
CA LYS A 51 -0.67 -10.70 11.57
C LYS A 51 -1.86 -11.68 11.62
N ALA A 52 -3.06 -11.13 11.54
CA ALA A 52 -4.24 -11.97 11.41
C ALA A 52 -4.44 -12.61 9.99
N LEU A 53 -3.45 -12.57 9.12
CA LEU A 53 -3.57 -13.12 7.77
C LEU A 53 -3.32 -14.62 7.77
N PRO A 54 -4.09 -15.37 6.93
CA PRO A 54 -3.89 -16.81 6.84
C PRO A 54 -2.48 -17.15 6.40
N GLY A 55 -1.84 -18.06 7.10
CA GLY A 55 -0.43 -18.37 6.81
C GLY A 55 0.61 -17.36 7.30
N PHE A 56 0.22 -16.14 7.67
CA PHE A 56 1.23 -15.12 7.89
C PHE A 56 2.24 -15.47 9.01
N ARG A 57 1.77 -16.10 10.07
CA ARG A 57 2.64 -16.55 11.17
C ARG A 57 3.65 -17.64 10.75
N ASN A 58 3.32 -18.41 9.72
CA ASN A 58 4.26 -19.26 8.96
C ASN A 58 5.69 -18.72 8.88
N LEU A 59 5.82 -17.49 8.38
CA LEU A 59 7.11 -16.89 8.03
C LEU A 59 7.94 -16.57 9.26
N HIS A 60 9.25 -16.54 9.05
CA HIS A 60 10.16 -16.03 10.04
C HIS A 60 9.73 -14.61 10.44
N VAL A 61 10.05 -14.24 11.66
CA VAL A 61 9.73 -12.92 12.19
C VAL A 61 10.30 -11.79 11.35
N ASP A 62 11.54 -11.96 10.93
CA ASP A 62 12.27 -10.88 10.27
C ASP A 62 11.73 -10.75 8.86
N ASP A 63 11.29 -11.90 8.34
CA ASP A 63 10.55 -12.01 7.08
C ASP A 63 9.20 -11.30 7.08
N GLN A 64 8.40 -11.59 8.11
CA GLN A 64 7.18 -10.83 8.41
C GLN A 64 7.46 -9.31 8.46
N MET A 65 8.47 -8.91 9.21
CA MET A 65 8.73 -7.50 9.43
C MET A 65 9.21 -6.84 8.16
N ALA A 66 10.04 -7.58 7.42
CA ALA A 66 10.61 -7.09 6.16
C ALA A 66 9.49 -6.86 5.14
N VAL A 67 8.73 -7.92 4.91
CA VAL A 67 7.69 -7.92 3.88
C VAL A 67 6.72 -6.73 4.10
N ILE A 68 6.37 -6.52 5.36
CA ILE A 68 5.54 -5.39 5.74
C ILE A 68 6.21 -4.04 5.36
N GLN A 69 7.48 -3.86 5.74
CA GLN A 69 8.17 -2.61 5.52
C GLN A 69 8.51 -2.35 4.06
N TYR A 70 8.54 -3.39 3.27
CA TYR A 70 8.70 -3.25 1.82
C TYR A 70 7.38 -2.92 1.17
N SER A 71 6.30 -3.57 1.59
CA SER A 71 5.04 -3.49 0.82
C SER A 71 4.03 -2.42 1.27
N TRP A 72 4.29 -1.72 2.36
CA TRP A 72 3.29 -0.82 2.95
C TRP A 72 2.80 0.29 2.03
N MET A 73 3.67 0.82 1.19
CA MET A 73 3.24 1.85 0.26
C MET A 73 2.20 1.30 -0.72
N GLY A 74 2.48 0.12 -1.28
CA GLY A 74 1.62 -0.54 -2.28
C GLY A 74 0.22 -0.83 -1.81
N LEU A 75 0.14 -1.50 -0.66
CA LEU A 75 -1.13 -1.79 -0.01
C LEU A 75 -1.97 -0.51 0.23
N MET A 76 -1.34 0.47 0.87
CA MET A 76 -2.00 1.72 1.23
C MET A 76 -2.52 2.44 -0.01
N VAL A 77 -1.67 2.52 -1.02
CA VAL A 77 -2.07 3.03 -2.30
C VAL A 77 -3.27 2.23 -2.89
N PHE A 78 -3.18 0.90 -2.91
CA PHE A 78 -4.25 0.08 -3.47
C PHE A 78 -5.60 0.42 -2.81
N ALA A 79 -5.63 0.37 -1.47
CA ALA A 79 -6.87 0.51 -0.72
C ALA A 79 -7.33 1.97 -0.73
N MET A 80 -6.38 2.87 -0.90
CA MET A 80 -6.73 4.27 -0.96
C MET A 80 -7.53 4.40 -2.23
N GLY A 81 -7.06 3.71 -3.28
CA GLY A 81 -7.69 3.67 -4.60
C GLY A 81 -9.10 3.12 -4.59
N TRP A 82 -9.30 2.07 -3.78
CA TRP A 82 -10.63 1.50 -3.54
C TRP A 82 -11.53 2.48 -2.79
N ARG A 83 -10.96 3.04 -1.73
CA ARG A 83 -11.63 4.04 -0.91
C ARG A 83 -12.17 5.17 -1.76
N SER A 84 -11.28 5.80 -2.53
CA SER A 84 -11.66 6.81 -3.51
C SER A 84 -12.76 6.32 -4.45
N PHE A 85 -12.58 5.12 -4.98
CA PHE A 85 -13.52 4.57 -5.93
C PHE A 85 -14.91 4.41 -5.33
N THR A 86 -14.98 3.73 -4.18
CA THR A 86 -16.29 3.54 -3.52
C THR A 86 -16.93 4.76 -2.90
N ASN A 87 -16.17 5.78 -2.51
CA ASN A 87 -16.79 6.93 -1.80
C ASN A 87 -17.05 8.12 -2.72
N VAL A 88 -16.19 8.35 -3.69
CA VAL A 88 -16.30 9.56 -4.48
C VAL A 88 -16.20 9.22 -5.95
N ASN A 89 -16.56 7.98 -6.28
CA ASN A 89 -16.36 7.37 -7.61
C ASN A 89 -15.14 7.85 -8.45
N SER A 90 -14.01 7.99 -7.74
CA SER A 90 -12.71 8.26 -8.35
C SER A 90 -12.54 9.73 -8.79
N ALA A 91 -13.45 10.61 -8.38
CA ALA A 91 -13.35 11.99 -8.81
C ALA A 91 -12.25 12.66 -8.00
N MET A 92 -12.05 12.20 -6.76
CA MET A 92 -11.01 12.74 -5.89
C MET A 92 -10.30 11.65 -5.12
N LEU A 93 -9.11 11.96 -4.61
CA LEU A 93 -8.32 10.97 -3.84
C LEU A 93 -8.75 10.98 -2.38
N TYR A 94 -9.36 9.88 -1.93
CA TYR A 94 -9.92 9.74 -0.58
C TYR A 94 -8.91 9.05 0.34
N PHE A 95 -8.04 9.86 0.90
CA PHE A 95 -6.98 9.32 1.75
C PHE A 95 -7.56 8.91 3.11
N ALA A 96 -8.48 9.76 3.57
CA ALA A 96 -9.24 9.52 4.79
C ALA A 96 -10.38 10.51 4.69
N PRO A 97 -11.38 10.35 5.55
CA PRO A 97 -12.49 11.27 5.49
C PRO A 97 -12.02 12.71 5.62
N ASP A 98 -11.04 12.94 6.49
CA ASP A 98 -10.55 14.30 6.78
C ASP A 98 -9.41 14.71 5.87
N LEU A 99 -9.20 13.95 4.79
CA LEU A 99 -8.10 14.26 3.90
C LEU A 99 -8.42 13.80 2.48
N VAL A 100 -9.23 14.62 1.81
CA VAL A 100 -9.55 14.28 0.47
C VAL A 100 -8.89 15.31 -0.43
N PHE A 101 -8.16 14.80 -1.40
CA PHE A 101 -7.45 15.62 -2.37
C PHE A 101 -8.34 15.86 -3.59
N ASN A 102 -8.64 17.13 -3.79
CA ASN A 102 -9.09 17.61 -5.04
C ASN A 102 -7.84 18.02 -5.82
N GLU A 103 -8.02 18.35 -7.10
CA GLU A 103 -6.94 18.72 -8.01
C GLU A 103 -6.06 19.83 -7.44
N TYR A 104 -6.68 20.79 -6.76
CA TYR A 104 -5.92 21.85 -6.09
C TYR A 104 -4.96 21.24 -5.05
N ARG A 105 -5.46 20.34 -4.20
CA ARG A 105 -4.62 19.73 -3.22
C ARG A 105 -3.58 18.86 -3.94
N MET A 106 -3.99 18.18 -5.01
CA MET A 106 -3.02 17.42 -5.83
C MET A 106 -1.82 18.28 -6.23
N HIS A 107 -2.10 19.50 -6.65
CA HIS A 107 -1.04 20.40 -7.04
C HIS A 107 -0.30 20.95 -5.81
N LYS A 108 -1.02 21.31 -4.74
CA LYS A 108 -0.36 21.87 -3.57
C LYS A 108 0.63 20.90 -2.90
N SER A 109 0.34 19.61 -2.99
CA SER A 109 1.18 18.53 -2.46
C SER A 109 2.44 18.33 -3.26
N ARG A 110 2.52 18.98 -4.41
CA ARG A 110 3.64 18.85 -5.33
C ARG A 110 3.82 17.41 -5.83
N MET A 111 2.75 16.66 -5.84
CA MET A 111 2.79 15.24 -6.13
C MET A 111 1.86 14.94 -7.28
N TYR A 112 1.58 15.92 -8.11
CA TYR A 112 0.47 15.82 -9.03
C TYR A 112 0.54 14.54 -9.91
N SER A 113 1.60 14.41 -10.72
CA SER A 113 1.78 13.22 -11.58
C SER A 113 1.36 11.94 -10.86
N GLN A 114 1.91 11.78 -9.69
CA GLN A 114 1.68 10.60 -8.86
C GLN A 114 0.22 10.46 -8.46
N CYS A 115 -0.38 11.57 -8.05
CA CYS A 115 -1.80 11.57 -7.68
C CYS A 115 -2.69 11.19 -8.88
N VAL A 116 -2.34 11.69 -10.05
CA VAL A 116 -3.06 11.37 -11.29
C VAL A 116 -2.90 9.89 -11.59
N ARG A 117 -1.66 9.40 -11.44
CA ARG A 117 -1.42 7.98 -11.53
C ARG A 117 -2.30 7.21 -10.55
N MET A 118 -2.40 7.68 -9.32
CA MET A 118 -3.29 7.06 -8.33
C MET A 118 -4.77 7.22 -8.66
N ARG A 119 -5.16 8.38 -9.15
CA ARG A 119 -6.55 8.59 -9.56
C ARG A 119 -6.93 7.63 -10.72
N HIS A 120 -5.96 7.31 -11.57
CA HIS A 120 -6.19 6.39 -12.63
C HIS A 120 -6.50 4.97 -12.10
N LEU A 121 -5.59 4.47 -11.27
CA LEU A 121 -5.76 3.20 -10.55
C LEU A 121 -7.18 3.09 -10.08
N SER A 122 -7.59 4.12 -9.36
CA SER A 122 -8.92 4.22 -8.80
C SER A 122 -10.00 3.97 -9.85
N GLN A 123 -9.85 4.58 -11.01
CA GLN A 123 -10.84 4.50 -12.10
C GLN A 123 -10.88 3.10 -12.65
N GLU A 124 -9.68 2.48 -12.70
CA GLU A 124 -9.59 1.09 -13.09
C GLU A 124 -10.53 0.21 -12.26
N PHE A 125 -10.60 0.46 -10.96
CA PHE A 125 -11.51 -0.34 -10.17
C PHE A 125 -12.88 -0.26 -10.80
N GLY A 126 -13.21 0.92 -11.32
CA GLY A 126 -14.51 1.13 -11.98
C GLY A 126 -14.63 0.44 -13.33
N TRP A 127 -13.82 0.88 -14.28
CA TRP A 127 -13.75 0.33 -15.62
C TRP A 127 -13.59 -1.18 -15.69
N LEU A 128 -12.94 -1.78 -14.69
CA LEU A 128 -12.80 -3.25 -14.71
C LEU A 128 -13.89 -3.97 -13.90
N GLN A 129 -14.80 -3.22 -13.28
CA GLN A 129 -15.83 -3.79 -12.39
C GLN A 129 -15.22 -4.80 -11.38
N ILE A 130 -14.34 -4.27 -10.54
CA ILE A 130 -13.66 -5.07 -9.53
C ILE A 130 -14.63 -5.30 -8.37
N THR A 131 -14.70 -6.55 -7.92
CA THR A 131 -15.57 -6.92 -6.80
C THR A 131 -14.81 -6.69 -5.49
N PRO A 132 -15.56 -6.43 -4.40
CA PRO A 132 -14.98 -6.33 -3.05
C PRO A 132 -14.10 -7.53 -2.69
N GLN A 133 -14.49 -8.70 -3.17
CA GLN A 133 -13.79 -9.95 -2.95
C GLN A 133 -12.46 -10.01 -3.72
N GLU A 134 -12.47 -9.46 -4.94
CA GLU A 134 -11.24 -9.41 -5.74
C GLU A 134 -10.32 -8.40 -5.09
N PHE A 135 -10.88 -7.25 -4.71
CA PHE A 135 -10.10 -6.24 -4.00
C PHE A 135 -9.34 -6.81 -2.77
N LEU A 136 -10.05 -7.54 -1.91
CA LEU A 136 -9.44 -8.04 -0.69
C LEU A 136 -8.29 -8.92 -1.02
N CYS A 137 -8.57 -9.90 -1.86
CA CYS A 137 -7.60 -10.86 -2.38
C CYS A 137 -6.38 -10.24 -3.05
N MET A 138 -6.62 -9.29 -3.94
CA MET A 138 -5.54 -8.60 -4.62
C MET A 138 -4.71 -7.90 -3.53
N LYS A 139 -5.33 -7.11 -2.68
CA LYS A 139 -4.64 -6.47 -1.56
C LYS A 139 -3.83 -7.46 -0.73
N ALA A 140 -4.43 -8.59 -0.36
CA ALA A 140 -3.68 -9.62 0.37
C ALA A 140 -2.34 -9.89 -0.31
N LEU A 141 -2.41 -10.31 -1.58
CA LEU A 141 -1.24 -10.59 -2.45
C LEU A 141 -0.14 -9.55 -2.51
N LEU A 142 -0.52 -8.28 -2.38
CA LEU A 142 0.39 -7.12 -2.42
C LEU A 142 1.39 -7.10 -1.25
N LEU A 143 1.02 -7.73 -0.13
CA LEU A 143 1.95 -7.92 0.94
C LEU A 143 3.06 -8.90 0.52
N PHE A 144 2.72 -9.82 -0.38
CA PHE A 144 3.67 -10.82 -0.86
C PHE A 144 4.19 -10.50 -2.27
N SER A 145 4.20 -9.21 -2.63
CA SER A 145 4.63 -8.76 -3.97
C SER A 145 5.97 -8.02 -4.02
N ILE A 146 6.70 -7.95 -2.91
CA ILE A 146 8.01 -7.28 -2.91
C ILE A 146 9.03 -7.87 -1.92
N ILE A 147 10.10 -8.45 -2.48
CA ILE A 147 11.11 -9.25 -1.78
C ILE A 147 12.54 -8.77 -2.09
N PRO A 148 13.51 -8.98 -1.17
CA PRO A 148 14.83 -8.56 -1.56
C PRO A 148 15.40 -9.63 -2.45
N VAL A 149 16.26 -9.26 -3.41
CA VAL A 149 16.74 -10.22 -4.44
C VAL A 149 17.63 -11.32 -3.84
N ASP A 150 18.28 -11.03 -2.70
CA ASP A 150 18.97 -12.04 -1.88
C ASP A 150 18.01 -13.01 -1.23
N GLY A 151 16.73 -12.95 -1.60
CA GLY A 151 15.72 -13.76 -0.94
C GLY A 151 15.60 -13.53 0.57
N LEU A 152 14.56 -14.14 1.12
CA LEU A 152 14.24 -14.03 2.51
C LEU A 152 14.96 -15.10 3.35
N LYS A 153 14.69 -15.11 4.65
CA LYS A 153 15.23 -16.15 5.53
C LYS A 153 14.58 -17.49 5.24
N ASN A 154 13.27 -17.51 5.16
CA ASN A 154 12.52 -18.71 4.71
C ASN A 154 11.86 -18.42 3.39
N GLN A 155 12.66 -18.22 2.37
CA GLN A 155 12.14 -18.00 1.06
C GLN A 155 11.08 -19.06 0.68
N LYS A 156 11.26 -20.30 1.12
CA LYS A 156 10.33 -21.39 0.80
C LYS A 156 8.91 -21.25 1.33
N PHE A 157 8.75 -20.96 2.62
CA PHE A 157 7.40 -20.71 3.17
C PHE A 157 6.76 -19.50 2.46
N PHE A 158 7.55 -18.46 2.26
CA PHE A 158 7.08 -17.32 1.50
C PHE A 158 6.44 -17.70 0.14
N ASP A 159 7.23 -18.34 -0.71
CA ASP A 159 6.78 -18.84 -2.02
C ASP A 159 5.52 -19.68 -1.93
N GLU A 160 5.47 -20.52 -0.91
CA GLU A 160 4.31 -21.37 -0.65
C GLU A 160 3.09 -20.46 -0.41
N LEU A 161 3.30 -19.52 0.49
CA LEU A 161 2.30 -18.58 0.93
C LEU A 161 1.80 -17.78 -0.25
N ARG A 162 2.74 -17.17 -0.98
CA ARG A 162 2.40 -16.38 -2.18
C ARG A 162 1.67 -17.20 -3.27
N MET A 163 2.08 -18.45 -3.46
CA MET A 163 1.44 -19.34 -4.40
C MET A 163 -0.03 -19.65 -4.03
N ASN A 164 -0.32 -19.73 -2.74
CA ASN A 164 -1.66 -20.07 -2.28
C ASN A 164 -2.58 -18.88 -2.40
N TYR A 165 -2.02 -17.71 -2.15
CA TYR A 165 -2.80 -16.52 -2.27
C TYR A 165 -3.23 -16.28 -3.70
N ILE A 166 -2.34 -16.57 -4.64
CA ILE A 166 -2.70 -16.52 -6.05
C ILE A 166 -3.82 -17.53 -6.38
N LYS A 167 -3.67 -18.75 -5.89
CA LYS A 167 -4.64 -19.79 -6.05
C LYS A 167 -6.01 -19.34 -5.57
N GLU A 168 -6.04 -18.48 -4.57
CA GLU A 168 -7.30 -18.02 -4.00
C GLU A 168 -7.99 -16.91 -4.80
N LEU A 169 -7.19 -16.06 -5.42
CA LEU A 169 -7.73 -14.99 -6.26
C LEU A 169 -8.27 -15.64 -7.52
N ASP A 170 -7.59 -16.72 -7.89
CA ASP A 170 -7.99 -17.57 -8.98
C ASP A 170 -9.31 -18.28 -8.67
N ARG A 171 -9.49 -18.63 -7.41
CA ARG A 171 -10.63 -19.40 -6.96
C ARG A 171 -11.88 -18.52 -6.96
N ILE A 172 -11.71 -17.26 -6.58
CA ILE A 172 -12.83 -16.32 -6.54
C ILE A 172 -13.06 -15.65 -7.89
N ILE A 173 -12.18 -15.93 -8.85
CA ILE A 173 -12.49 -15.73 -10.25
C ILE A 173 -13.24 -16.99 -10.73
N ALA A 174 -12.67 -18.17 -10.47
CA ALA A 174 -13.23 -19.47 -10.88
C ALA A 174 -14.27 -20.00 -9.88
N SER A 182 -11.20 -15.28 -22.46
CA SER A 182 -12.57 -15.38 -22.02
C SER A 182 -12.67 -15.96 -20.60
N CYS A 183 -12.71 -15.05 -19.62
CA CYS A 183 -12.77 -15.31 -18.15
C CYS A 183 -11.41 -15.28 -17.48
N SER A 184 -10.47 -16.13 -17.90
CA SER A 184 -9.09 -16.00 -17.44
C SER A 184 -8.44 -14.79 -18.13
N ARG A 185 -9.19 -14.12 -19.00
CA ARG A 185 -8.83 -12.77 -19.42
C ARG A 185 -8.97 -11.83 -18.23
N ARG A 186 -9.87 -12.16 -17.31
CA ARG A 186 -10.00 -11.46 -16.04
C ARG A 186 -8.68 -11.55 -15.24
N PHE A 187 -8.12 -12.74 -15.22
CA PHE A 187 -6.83 -12.92 -14.60
C PHE A 187 -5.78 -12.01 -15.21
N TYR A 188 -5.68 -11.99 -16.53
CA TYR A 188 -4.72 -11.12 -17.15
C TYR A 188 -4.93 -9.77 -16.52
N GLN A 189 -6.16 -9.29 -16.60
CA GLN A 189 -6.50 -7.92 -16.20
C GLN A 189 -6.13 -7.60 -14.76
N LEU A 190 -6.47 -8.52 -13.87
CA LEU A 190 -6.22 -8.32 -12.45
C LEU A 190 -4.74 -8.34 -12.10
N THR A 191 -4.02 -9.25 -12.73
CA THR A 191 -2.60 -9.33 -12.57
C THR A 191 -1.95 -8.07 -13.17
N LYS A 192 -2.58 -7.54 -14.20
CA LYS A 192 -2.05 -6.38 -14.89
C LYS A 192 -2.24 -5.15 -14.01
N LEU A 193 -3.46 -5.00 -13.52
CA LEU A 193 -3.76 -3.97 -12.55
C LEU A 193 -2.82 -4.07 -11.33
N LEU A 194 -2.68 -5.27 -10.78
CA LEU A 194 -1.79 -5.47 -9.66
C LEU A 194 -0.35 -4.99 -9.97
N ASP A 195 0.16 -5.47 -11.08
CA ASP A 195 1.44 -5.02 -11.54
C ASP A 195 1.52 -3.48 -11.56
N SER A 196 0.45 -2.82 -11.95
CA SER A 196 0.52 -1.36 -12.12
C SER A 196 0.66 -0.55 -10.83
N VAL A 197 0.32 -1.14 -9.69
CA VAL A 197 0.60 -0.51 -8.40
C VAL A 197 2.11 -0.20 -8.14
N GLN A 198 3.00 -1.10 -8.54
CA GLN A 198 4.43 -0.93 -8.20
C GLN A 198 5.07 0.36 -8.73
N PRO A 199 4.99 0.59 -10.06
CA PRO A 199 5.51 1.84 -10.64
C PRO A 199 5.16 3.06 -9.79
N ILE A 200 3.91 3.10 -9.35
CA ILE A 200 3.38 4.19 -8.55
C ILE A 200 4.06 4.21 -7.17
N ALA A 201 4.05 3.07 -6.50
CA ALA A 201 4.68 2.96 -5.21
C ALA A 201 6.16 3.38 -5.27
N ARG A 202 6.84 2.96 -6.32
CA ARG A 202 8.22 3.40 -6.56
C ARG A 202 8.31 4.92 -6.74
N GLU A 203 7.39 5.49 -7.50
CA GLU A 203 7.38 6.93 -7.69
C GLU A 203 7.16 7.61 -6.36
N LEU A 204 6.41 6.95 -5.50
CA LEU A 204 6.00 7.53 -4.25
C LEU A 204 7.13 7.39 -3.23
N HIS A 205 7.90 6.32 -3.41
CA HIS A 205 9.07 6.02 -2.60
C HIS A 205 10.22 6.99 -2.79
N GLN A 206 10.50 7.36 -4.03
CA GLN A 206 11.53 8.35 -4.30
C GLN A 206 11.01 9.62 -3.68
N PHE A 207 9.74 9.93 -3.94
CA PHE A 207 9.21 11.20 -3.52
C PHE A 207 9.33 11.40 -2.01
N THR A 208 8.91 10.40 -1.25
CA THR A 208 8.91 10.53 0.19
C THR A 208 10.33 10.61 0.74
N PHE A 209 11.20 9.79 0.17
CA PHE A 209 12.59 9.73 0.57
C PHE A 209 13.29 11.09 0.45
N ASP A 210 13.08 11.81 -0.65
CA ASP A 210 13.65 13.14 -0.83
C ASP A 210 13.00 14.08 0.17
N LEU A 211 11.69 13.98 0.24
CA LEU A 211 10.95 14.80 1.13
C LEU A 211 11.59 14.68 2.52
N LEU A 212 11.99 13.46 2.87
CA LEU A 212 12.58 13.15 4.13
C LEU A 212 13.90 13.86 4.28
N ILE A 213 14.75 13.66 3.29
CA ILE A 213 16.06 14.27 3.25
C ILE A 213 15.95 15.76 3.51
N LYS A 214 15.03 16.43 2.85
CA LYS A 214 14.95 17.90 2.95
C LYS A 214 13.84 18.38 3.89
N SER A 215 13.43 17.51 4.83
CA SER A 215 12.22 17.79 5.62
C SER A 215 12.39 18.95 6.58
N HIS A 216 13.54 19.03 7.24
CA HIS A 216 13.83 20.18 8.07
C HIS A 216 13.66 21.49 7.30
N MET A 217 14.11 21.50 6.06
CA MET A 217 14.12 22.72 5.26
C MET A 217 12.80 23.00 4.49
N VAL A 218 11.76 22.19 4.73
CA VAL A 218 10.42 22.50 4.24
C VAL A 218 9.36 22.28 5.32
N SER A 219 9.79 22.15 6.57
CA SER A 219 8.89 22.04 7.71
C SER A 219 7.82 20.95 7.53
N VAL A 220 8.21 19.84 6.88
CA VAL A 220 7.36 18.66 6.73
C VAL A 220 7.69 17.73 7.89
N ASP A 221 6.64 17.19 8.52
CA ASP A 221 6.82 16.42 9.74
C ASP A 221 6.71 14.91 9.53
N PHE A 222 7.85 14.24 9.75
CA PHE A 222 7.90 12.78 9.72
C PHE A 222 7.79 12.21 11.13
N PRO A 223 6.77 11.35 11.36
CA PRO A 223 6.68 10.53 12.55
C PRO A 223 7.85 9.55 12.70
N GLU A 224 8.20 9.25 13.94
CA GLU A 224 9.52 8.70 14.20
C GLU A 224 9.74 7.42 13.44
N MET A 225 8.79 6.51 13.57
CA MET A 225 8.85 5.23 12.90
C MET A 225 8.84 5.34 11.38
N MET A 226 8.18 6.38 10.84
CA MET A 226 8.13 6.59 9.39
C MET A 226 9.49 6.98 8.83
N ALA A 227 10.19 7.85 9.56
CA ALA A 227 11.53 8.25 9.18
C ALA A 227 12.50 7.08 9.26
N GLU A 228 12.39 6.24 10.29
CA GLU A 228 13.22 5.04 10.32
C GLU A 228 13.07 4.27 9.03
N ILE A 229 11.83 3.85 8.74
CA ILE A 229 11.45 2.97 7.61
C ILE A 229 11.88 3.54 6.28
N ILE A 230 11.54 4.79 6.07
CA ILE A 230 11.95 5.48 4.88
C ILE A 230 13.47 5.60 4.72
N SER A 231 14.22 5.70 5.83
CA SER A 231 15.68 5.87 5.78
C SER A 231 16.41 4.55 5.74
N VAL A 232 15.77 3.52 6.30
CA VAL A 232 16.40 2.20 6.39
C VAL A 232 15.90 1.22 5.31
N GLN A 233 14.58 1.01 5.20
CA GLN A 233 14.07 -0.05 4.31
C GLN A 233 13.83 0.47 2.90
N VAL A 234 13.19 1.63 2.80
CA VAL A 234 12.90 2.25 1.50
C VAL A 234 14.14 2.35 0.59
N PRO A 235 15.28 2.91 1.09
CA PRO A 235 16.46 2.99 0.18
C PRO A 235 16.88 1.63 -0.40
N LYS A 236 16.65 0.55 0.34
CA LYS A 236 16.96 -0.80 -0.14
C LYS A 236 16.18 -1.11 -1.42
N ILE A 237 14.96 -0.63 -1.46
CA ILE A 237 14.14 -0.77 -2.63
C ILE A 237 14.72 0.10 -3.71
N LEU A 238 14.93 1.36 -3.36
CA LEU A 238 15.34 2.35 -4.35
C LEU A 238 16.67 2.00 -4.95
N SER A 239 17.58 1.44 -4.14
CA SER A 239 18.85 0.97 -4.67
C SER A 239 18.75 -0.34 -5.51
N GLY A 240 17.59 -0.97 -5.63
CA GLY A 240 17.46 -2.22 -6.43
C GLY A 240 17.73 -3.50 -5.65
N LYS A 241 18.05 -3.34 -4.36
CA LYS A 241 18.31 -4.47 -3.47
C LYS A 241 17.04 -5.26 -3.19
N VAL A 242 15.92 -4.51 -3.18
CA VAL A 242 14.59 -5.05 -2.97
C VAL A 242 13.72 -4.76 -4.22
N LYS A 243 13.08 -5.81 -4.73
CA LYS A 243 12.36 -5.76 -6.00
C LYS A 243 10.94 -6.29 -5.87
N PRO A 244 9.99 -5.61 -6.53
CA PRO A 244 8.68 -6.22 -6.66
C PRO A 244 8.71 -7.40 -7.57
N ILE A 245 7.74 -8.27 -7.35
CA ILE A 245 7.43 -9.36 -8.25
C ILE A 245 6.29 -8.97 -9.17
N TYR A 246 6.62 -8.79 -10.44
CA TYR A 246 5.58 -8.54 -11.45
C TYR A 246 5.10 -9.87 -11.98
N PHE A 247 3.83 -9.94 -12.36
CA PHE A 247 3.34 -11.08 -13.11
C PHE A 247 3.80 -11.02 -14.54
N HIS A 248 3.98 -9.81 -15.05
CA HIS A 248 4.27 -9.57 -16.44
C HIS A 248 5.62 -8.88 -16.56
N THR A 249 6.48 -9.40 -17.42
CA THR A 249 7.84 -8.89 -17.58
C THR A 249 7.86 -7.40 -17.93
N TYR B 4 15.66 -0.75 16.38
CA TYR B 4 14.61 -0.32 15.41
C TYR B 4 13.28 -0.11 16.09
N ILE B 5 12.75 1.08 15.94
CA ILE B 5 11.42 1.43 16.43
C ILE B 5 10.34 0.51 15.84
N PHE B 6 10.38 0.28 14.53
CA PHE B 6 9.41 -0.61 13.89
C PHE B 6 9.44 -2.00 14.52
N ASP B 7 10.65 -2.51 14.75
CA ASP B 7 10.86 -3.86 15.29
C ASP B 7 10.42 -4.01 16.76
N LEU B 8 10.81 -3.09 17.62
CA LEU B 8 10.28 -3.06 19.02
C LEU B 8 8.74 -3.03 18.96
N PHE B 9 8.22 -2.09 18.16
CA PHE B 9 6.79 -2.02 17.89
C PHE B 9 6.23 -3.36 17.43
N TYR B 10 6.80 -3.95 16.38
CA TYR B 10 6.26 -5.19 15.86
C TYR B 10 6.23 -6.30 16.92
N LYS B 11 7.16 -6.27 17.89
CA LYS B 11 7.23 -7.28 18.99
C LYS B 11 6.83 -6.75 20.38
S SO4 C . 2.72 26.10 -0.77
O1 SO4 C . 2.98 27.09 -1.85
O2 SO4 C . 3.57 26.38 0.42
O3 SO4 C . 2.95 24.72 -1.25
O4 SO4 C . 1.30 26.21 -0.41
C1 DHT D . -0.67 7.44 3.38
C2 DHT D . -1.95 6.60 3.35
C3 DHT D . -2.68 6.57 2.00
O3 DHT D . -3.89 6.53 2.02
C4 DHT D . -1.91 6.55 0.72
C5 DHT D . -0.75 7.57 0.84
C6 DHT D . 0.02 7.64 -0.52
C7 DHT D . 1.11 8.72 -0.45
C8 DHT D . 2.00 8.63 0.84
C9 DHT D . 1.17 8.56 2.13
C10 DHT D . 0.15 7.40 2.10
C11 DHT D . 2.03 8.61 3.42
C12 DHT D . 3.04 9.78 3.45
C13 DHT D . 3.85 9.84 2.16
C14 DHT D . 2.90 9.85 0.95
C15 DHT D . 3.79 10.20 -0.24
C16 DHT D . 4.79 11.19 0.36
C17 DHT D . 4.60 11.16 1.90
O17 DHT D . 5.83 11.30 2.64
C18 DHT D . 4.83 8.67 2.14
C19 DHT D . 0.87 6.04 2.14
#